data_9M14
#
_entry.id   9M14
#
_cell.length_a   153.610
_cell.length_b   44.750
_cell.length_c   42.370
_cell.angle_alpha   90.000
_cell.angle_beta   95.729
_cell.angle_gamma   90.000
#
_symmetry.space_group_name_H-M   'C 1 2 1'
#
loop_
_entity.id
_entity.type
_entity.pdbx_description
1 polymer 'Vitamin D3 receptor'
2 polymer 'Mediator of RNA polymerase II transcription subunit 1'
3 non-polymer '(4~{S})-5-[4-[[4-(2-ethyl-2-oxidanyl-butoxy)-3-methyl-phenyl]-dimethyl-silyl]-2-methyl-phenoxy]-4-oxidanyl-pentanoic acid'
4 water water
#
loop_
_entity_poly.entity_id
_entity_poly.type
_entity_poly.pdbx_seq_one_letter_code
_entity_poly.pdbx_strand_id
1 'polypeptide(L)'
;GSHMGSPNSPLKDSLRPKLSEEQQHIIAILLDAHHKTYDPTYADFRDFRPPVRMDGSTGSVTLDLSPLSMLPHLADLVSY
SIQKVIGFAKMIPGFRDLTSDDQIVLLKSSAIEVIMLRSNQSFTMDDMSWDCGSQDYKYDVTDVSKAGHTLELIEPLIKF
QVGLKKLNLHEEEHVLLMAICIVSPDRPGVQDAKLVEAIQDRLSNTLQTYIRCRHPPPGSHQLYAKMIQKLADLRSLNEE
HSKQYRSLSFQPENSMKLTPLVLEVFGNEIS
;
A
2 'polypeptide(L)' KNHPMLMNLLKDN C
#
loop_
_chem_comp.id
_chem_comp.type
_chem_comp.name
_chem_comp.formula
A1L71 non-polymer '(4~{S})-5-[4-[[4-(2-ethyl-2-oxidanyl-butoxy)-3-methyl-phenyl]-dimethyl-silyl]-2-methyl-phenoxy]-4-oxidanyl-pentanoic acid' 'C27 H40 O6 Si'
#
# COMPACT_ATOMS: atom_id res chain seq x y z
N LYS A 18 18.22 21.19 -7.73
CA LYS A 18 17.32 22.33 -7.82
C LYS A 18 15.97 22.02 -7.15
N LEU A 19 16.02 21.30 -6.04
CA LEU A 19 14.84 21.10 -5.21
C LEU A 19 14.44 22.41 -4.57
N SER A 20 13.22 22.87 -4.84
CA SER A 20 12.71 24.06 -4.17
C SER A 20 12.47 23.75 -2.69
N GLU A 21 12.36 24.82 -1.90
CA GLU A 21 12.12 24.64 -0.47
C GLU A 21 10.75 24.05 -0.19
N GLU A 22 9.76 24.32 -1.06
CA GLU A 22 8.48 23.62 -0.95
C GLU A 22 8.65 22.13 -1.23
N GLN A 23 9.45 21.77 -2.24
CA GLN A 23 9.69 20.37 -2.52
C GLN A 23 10.47 19.70 -1.40
N GLN A 24 11.44 20.40 -0.81
CA GLN A 24 12.12 19.88 0.35
C GLN A 24 11.15 19.72 1.52
N HIS A 25 10.23 20.67 1.68
CA HIS A 25 9.23 20.57 2.73
C HIS A 25 8.37 19.33 2.55
N ILE A 26 7.93 19.07 1.31
CA ILE A 26 7.06 17.92 1.03
C ILE A 26 7.78 16.62 1.39
N ILE A 27 9.05 16.49 0.99
CA ILE A 27 9.80 15.28 1.26
C ILE A 27 9.98 15.09 2.76
N ALA A 28 10.28 16.18 3.48
CA ALA A 28 10.41 16.10 4.93
C ALA A 28 9.10 15.65 5.58
N ILE A 29 7.97 16.16 5.09
CA ILE A 29 6.67 15.77 5.64
C ILE A 29 6.42 14.28 5.42
N LEU A 30 6.68 13.81 4.20
CA LEU A 30 6.37 12.41 3.86
C LEU A 30 7.33 11.46 4.57
N LEU A 31 8.61 11.83 4.70
CA LEU A 31 9.54 11.00 5.45
C LEU A 31 9.07 10.83 6.90
N ASP A 32 8.69 11.94 7.54
CA ASP A 32 8.23 11.88 8.92
C ASP A 32 6.92 11.10 9.04
N ALA A 33 6.00 11.30 8.09
CA ALA A 33 4.75 10.55 8.12
C ALA A 33 5.01 9.05 8.04
N HIS A 34 5.95 8.64 7.20
CA HIS A 34 6.29 7.22 7.09
C HIS A 34 6.92 6.69 8.38
N HIS A 35 7.81 7.47 8.99
CA HIS A 35 8.44 7.05 10.22
C HIS A 35 7.46 6.93 11.38
N LYS A 36 6.33 7.65 11.32
CA LYS A 36 5.32 7.57 12.36
C LYS A 36 4.26 6.51 12.08
N THR A 37 4.29 5.88 10.90
CA THR A 37 3.30 4.87 10.55
C THR A 37 3.92 3.54 10.15
N TYR A 38 5.24 3.41 10.14
CA TYR A 38 5.91 2.16 9.83
C TYR A 38 6.88 1.84 10.96
N ASP A 39 6.64 0.72 11.64
CA ASP A 39 7.47 0.30 12.75
C ASP A 39 8.41 -0.79 12.28
N PRO A 40 9.71 -0.52 12.11
CA PRO A 40 10.63 -1.56 11.62
C PRO A 40 10.89 -2.66 12.63
N THR A 41 10.45 -2.52 13.89
CA THR A 41 10.59 -3.60 14.86
C THR A 41 9.49 -4.64 14.75
N TYR A 42 8.35 -4.29 14.15
CA TYR A 42 7.21 -5.20 14.00
C TYR A 42 6.74 -5.74 15.36
N ALA A 43 6.84 -4.90 16.40
CA ALA A 43 6.50 -5.33 17.74
C ALA A 43 5.00 -5.60 17.89
N ASP A 44 4.17 -4.88 17.14
CA ASP A 44 2.73 -5.06 17.24
C ASP A 44 2.26 -6.39 16.66
N PHE A 45 3.13 -7.11 15.95
CA PHE A 45 2.73 -8.41 15.40
C PHE A 45 2.38 -9.41 16.49
N ARG A 46 2.93 -9.22 17.70
CA ARG A 46 2.65 -10.14 18.81
C ARG A 46 1.20 -10.06 19.27
N ASP A 47 0.52 -8.98 18.94
CA ASP A 47 -0.90 -8.82 19.35
C ASP A 47 -1.86 -9.45 18.35
N PHE A 48 -1.39 -9.85 17.19
CA PHE A 48 -2.25 -10.50 16.21
C PHE A 48 -2.57 -11.92 16.66
N ARG A 49 -3.64 -12.47 16.10
CA ARG A 49 -3.85 -13.91 16.22
C ARG A 49 -2.65 -14.62 15.62
N PRO A 50 -2.11 -15.64 16.29
CA PRO A 50 -0.82 -16.21 15.88
C PRO A 50 -0.93 -16.92 14.54
N PRO A 51 0.19 -17.07 13.84
CA PRO A 51 0.17 -17.80 12.56
C PRO A 51 0.15 -19.30 12.78
N VAL A 52 -0.67 -19.98 11.98
CA VAL A 52 -0.74 -21.44 11.96
C VAL A 52 -0.34 -21.92 10.57
N ARG A 53 0.64 -22.81 10.51
CA ARG A 53 1.21 -23.23 9.23
C ARG A 53 1.08 -24.71 8.93
N MET A 54 0.88 -25.56 9.94
CA MET A 54 0.81 -27.02 9.81
C MET A 54 1.69 -27.60 8.69
N SER A 66 -7.19 -28.37 2.66
CA SER A 66 -6.63 -27.92 3.93
C SER A 66 -7.27 -26.61 4.36
N PRO A 67 -7.37 -26.37 5.66
CA PRO A 67 -7.94 -25.12 6.15
C PRO A 67 -7.04 -23.94 5.81
N LEU A 68 -7.66 -22.77 5.68
CA LEU A 68 -6.93 -21.52 5.47
C LEU A 68 -6.30 -21.13 6.81
N SER A 69 -5.23 -21.84 7.17
CA SER A 69 -4.67 -21.73 8.51
C SER A 69 -4.03 -20.37 8.79
N MET A 70 -3.59 -19.65 7.76
CA MET A 70 -2.97 -18.34 7.94
C MET A 70 -3.95 -17.19 7.74
N LEU A 71 -5.22 -17.47 7.47
CA LEU A 71 -6.19 -16.40 7.27
C LEU A 71 -6.36 -15.52 8.52
N PRO A 72 -6.53 -16.06 9.73
CA PRO A 72 -6.67 -15.15 10.90
C PRO A 72 -5.46 -14.25 11.10
N HIS A 73 -4.24 -14.79 11.05
CA HIS A 73 -3.06 -13.96 11.25
C HIS A 73 -2.92 -12.92 10.14
N LEU A 74 -3.07 -13.34 8.89
CA LEU A 74 -2.88 -12.41 7.77
C LEU A 74 -4.00 -11.38 7.71
N ALA A 75 -5.21 -11.74 8.13
CA ALA A 75 -6.28 -10.75 8.20
C ALA A 75 -5.97 -9.66 9.22
N ASP A 76 -5.44 -10.05 10.38
CA ASP A 76 -5.03 -9.05 11.37
C ASP A 76 -3.87 -8.20 10.84
N LEU A 77 -2.92 -8.83 10.16
CA LEU A 77 -1.82 -8.08 9.55
C LEU A 77 -2.35 -7.06 8.55
N VAL A 78 -3.23 -7.49 7.66
CA VAL A 78 -3.81 -6.57 6.68
C VAL A 78 -4.60 -5.47 7.37
N SER A 79 -5.38 -5.83 8.39
CA SER A 79 -6.15 -4.83 9.14
C SER A 79 -5.23 -3.80 9.78
N TYR A 80 -4.16 -4.27 10.42
CA TYR A 80 -3.18 -3.38 11.02
C TYR A 80 -2.58 -2.44 9.98
N SER A 81 -2.29 -2.96 8.79
CA SER A 81 -1.68 -2.12 7.76
C SER A 81 -2.65 -1.10 7.20
N ILE A 82 -3.93 -1.46 7.05
CA ILE A 82 -4.92 -0.49 6.61
C ILE A 82 -4.91 0.73 7.53
N GLN A 83 -4.85 0.51 8.84
CA GLN A 83 -4.77 1.61 9.79
C GLN A 83 -3.54 2.48 9.55
N LYS A 84 -2.40 1.85 9.30
CA LYS A 84 -1.18 2.61 9.04
C LYS A 84 -1.28 3.41 7.75
N VAL A 85 -1.88 2.83 6.70
CA VAL A 85 -2.03 3.54 5.44
C VAL A 85 -2.93 4.76 5.60
N ILE A 86 -3.97 4.64 6.43
CA ILE A 86 -4.84 5.78 6.70
C ILE A 86 -4.06 6.88 7.44
N GLY A 87 -3.24 6.48 8.41
CA GLY A 87 -2.43 7.46 9.12
C GLY A 87 -1.43 8.14 8.21
N PHE A 88 -0.82 7.38 7.30
CA PHE A 88 0.10 7.99 6.33
C PHE A 88 -0.64 8.94 5.40
N ALA A 89 -1.77 8.48 4.84
CA ALA A 89 -2.51 9.30 3.89
C ALA A 89 -2.95 10.62 4.49
N LYS A 90 -3.29 10.64 5.78
CA LYS A 90 -3.76 11.87 6.41
C LYS A 90 -2.69 12.95 6.44
N MET A 91 -1.42 12.56 6.39
CA MET A 91 -0.33 13.51 6.47
C MET A 91 0.23 13.92 5.11
N ILE A 92 -0.33 13.39 4.02
CA ILE A 92 0.10 13.81 2.68
C ILE A 92 -0.31 15.27 2.47
N PRO A 93 0.62 16.15 2.08
CA PRO A 93 0.27 17.56 1.87
C PRO A 93 -0.85 17.70 0.84
N GLY A 94 -1.96 18.28 1.27
CA GLY A 94 -3.12 18.51 0.42
C GLY A 94 -4.22 17.49 0.56
N PHE A 95 -3.94 16.32 1.15
CA PHE A 95 -4.95 15.27 1.23
C PHE A 95 -6.18 15.73 2.01
N ARG A 96 -5.98 16.42 3.12
CA ARG A 96 -7.10 16.86 3.94
C ARG A 96 -7.84 18.06 3.35
N ASP A 97 -7.36 18.61 2.24
CA ASP A 97 -8.11 19.62 1.51
C ASP A 97 -9.22 19.02 0.66
N LEU A 98 -9.28 17.69 0.55
CA LEU A 98 -10.33 17.01 -0.19
C LEU A 98 -11.55 16.78 0.71
N THR A 99 -12.70 16.60 0.07
CA THR A 99 -13.89 16.22 0.81
C THR A 99 -13.69 14.85 1.44
N SER A 100 -14.47 14.59 2.50
N SER A 100 -14.46 14.59 2.50
CA SER A 100 -14.37 13.30 3.19
CA SER A 100 -14.37 13.30 3.19
C SER A 100 -14.74 12.15 2.27
C SER A 100 -14.73 12.15 2.26
N ASP A 101 -15.66 12.37 1.33
CA ASP A 101 -16.03 11.33 0.38
C ASP A 101 -14.87 10.98 -0.55
N ASP A 102 -14.14 12.00 -1.01
CA ASP A 102 -12.99 11.73 -1.86
C ASP A 102 -11.86 11.06 -1.09
N GLN A 103 -11.65 11.47 0.16
CA GLN A 103 -10.66 10.78 1.00
C GLN A 103 -11.03 9.30 1.16
N ILE A 104 -12.32 9.01 1.37
CA ILE A 104 -12.75 7.63 1.51
C ILE A 104 -12.56 6.86 0.20
N VAL A 105 -12.93 7.46 -0.92
CA VAL A 105 -12.78 6.80 -2.21
C VAL A 105 -11.31 6.50 -2.49
N LEU A 106 -10.44 7.48 -2.25
CA LEU A 106 -9.02 7.30 -2.55
C LEU A 106 -8.40 6.22 -1.67
N LEU A 107 -8.83 6.14 -0.41
CA LEU A 107 -8.25 5.16 0.51
C LEU A 107 -8.82 3.76 0.26
N LYS A 108 -10.12 3.66 -0.04
CA LYS A 108 -10.69 2.35 -0.32
C LYS A 108 -10.06 1.71 -1.55
N SER A 109 -9.77 2.50 -2.57
CA SER A 109 -9.23 1.94 -3.80
C SER A 109 -7.72 1.72 -3.76
N SER A 110 -7.01 2.46 -2.92
CA SER A 110 -5.54 2.39 -2.91
C SER A 110 -4.98 1.57 -1.77
N ALA A 111 -5.78 1.24 -0.74
CA ALA A 111 -5.26 0.56 0.44
C ALA A 111 -4.51 -0.71 0.07
N ILE A 112 -5.10 -1.54 -0.79
CA ILE A 112 -4.45 -2.78 -1.21
C ILE A 112 -3.12 -2.48 -1.90
N GLU A 113 -3.10 -1.45 -2.76
CA GLU A 113 -1.87 -1.14 -3.50
C GLU A 113 -0.78 -0.62 -2.58
N VAL A 114 -1.14 0.26 -1.62
CA VAL A 114 -0.13 0.78 -0.70
C VAL A 114 0.39 -0.32 0.21
N ILE A 115 -0.47 -1.27 0.59
CA ILE A 115 0.00 -2.41 1.37
C ILE A 115 1.07 -3.18 0.61
N MET A 116 0.82 -3.46 -0.67
CA MET A 116 1.82 -4.14 -1.48
C MET A 116 3.09 -3.32 -1.61
N LEU A 117 2.95 -2.00 -1.75
CA LEU A 117 4.11 -1.12 -1.84
C LEU A 117 4.90 -1.12 -0.54
N ARG A 118 4.24 -0.79 0.57
CA ARG A 118 4.92 -0.70 1.85
C ARG A 118 5.45 -2.04 2.33
N SER A 119 4.86 -3.15 1.87
CA SER A 119 5.38 -4.47 2.22
C SER A 119 6.76 -4.72 1.61
N ASN A 120 7.14 -3.97 0.58
CA ASN A 120 8.43 -4.22 -0.07
C ASN A 120 9.60 -3.94 0.85
N GLN A 121 9.41 -3.10 1.87
CA GLN A 121 10.48 -2.82 2.82
C GLN A 121 10.93 -4.08 3.54
N SER A 122 10.01 -5.00 3.82
CA SER A 122 10.34 -6.25 4.49
C SER A 122 10.67 -7.38 3.52
N PHE A 123 10.36 -7.21 2.24
CA PHE A 123 10.60 -8.25 1.24
C PHE A 123 12.10 -8.45 1.02
N THR A 124 12.53 -9.70 0.99
CA THR A 124 13.93 -10.05 0.71
C THR A 124 13.98 -11.06 -0.42
N MET A 125 14.95 -10.89 -1.32
CA MET A 125 15.08 -11.75 -2.49
C MET A 125 15.93 -12.98 -2.23
N ASP A 126 16.29 -13.25 -0.98
CA ASP A 126 17.00 -14.49 -0.66
C ASP A 126 16.10 -15.69 -0.88
N ASP A 127 14.89 -15.65 -0.31
CA ASP A 127 13.95 -16.77 -0.42
C ASP A 127 12.57 -16.32 -0.86
N MET A 128 12.46 -15.13 -1.45
N MET A 128 12.47 -15.12 -1.45
CA MET A 128 11.19 -14.58 -1.92
CA MET A 128 11.19 -14.57 -1.92
C MET A 128 10.17 -14.54 -0.79
C MET A 128 10.16 -14.53 -0.79
N SER A 129 10.54 -13.89 0.31
CA SER A 129 9.71 -13.84 1.50
C SER A 129 9.69 -12.44 2.06
N TRP A 130 8.64 -12.16 2.86
CA TRP A 130 8.53 -10.92 3.62
C TRP A 130 9.04 -11.22 5.03
N ASP A 131 10.23 -10.73 5.34
CA ASP A 131 10.86 -10.99 6.64
C ASP A 131 10.52 -9.84 7.59
N CYS A 132 9.65 -10.12 8.57
CA CYS A 132 9.26 -9.12 9.56
C CYS A 132 9.73 -9.46 10.98
N GLY A 133 11.00 -9.83 11.13
CA GLY A 133 11.57 -9.94 12.47
C GLY A 133 12.01 -11.32 12.89
N SER A 134 11.17 -12.33 12.65
CA SER A 134 11.44 -13.67 13.11
C SER A 134 10.82 -14.68 12.15
N GLN A 135 11.08 -15.96 12.40
CA GLN A 135 10.54 -17.02 11.54
C GLN A 135 9.03 -17.12 11.66
N ASP A 136 8.47 -16.79 12.84
CA ASP A 136 7.02 -16.76 12.99
C ASP A 136 6.40 -15.74 12.04
N TYR A 137 7.03 -14.59 11.89
CA TYR A 137 6.52 -13.50 11.08
C TYR A 137 7.35 -13.35 9.80
N LYS A 138 7.67 -14.47 9.18
CA LYS A 138 8.31 -14.54 7.87
C LYS A 138 7.35 -15.24 6.92
N TYR A 139 6.90 -14.54 5.90
CA TYR A 139 5.79 -15.02 5.05
C TYR A 139 6.29 -15.29 3.64
N ASP A 140 5.93 -16.46 3.11
CA ASP A 140 6.28 -16.86 1.75
C ASP A 140 5.01 -17.09 0.93
N VAL A 141 5.19 -17.64 -0.27
CA VAL A 141 4.06 -17.86 -1.16
C VAL A 141 3.07 -18.85 -0.57
N THR A 142 3.56 -19.83 0.19
CA THR A 142 2.67 -20.81 0.81
C THR A 142 1.82 -20.18 1.90
N ASP A 143 2.37 -19.16 2.59
CA ASP A 143 1.59 -18.48 3.62
C ASP A 143 0.46 -17.68 3.00
N VAL A 144 0.72 -17.00 1.88
CA VAL A 144 -0.36 -16.32 1.17
C VAL A 144 -1.35 -17.35 0.64
N SER A 145 -0.84 -18.49 0.17
CA SER A 145 -1.73 -19.58 -0.21
C SER A 145 -2.64 -19.99 0.96
N LYS A 146 -2.08 -19.99 2.18
CA LYS A 146 -2.84 -20.37 3.37
C LYS A 146 -3.88 -19.33 3.77
N ALA A 147 -4.00 -18.22 3.04
CA ALA A 147 -5.07 -17.25 3.24
C ALA A 147 -6.14 -17.30 2.17
N GLY A 148 -6.06 -18.27 1.24
CA GLY A 148 -7.08 -18.49 0.24
C GLY A 148 -6.71 -18.08 -1.17
N HIS A 149 -5.55 -17.46 -1.37
CA HIS A 149 -5.19 -16.92 -2.68
C HIS A 149 -4.43 -17.94 -3.51
N THR A 150 -4.51 -17.80 -4.83
CA THR A 150 -3.91 -18.68 -5.81
C THR A 150 -2.74 -17.99 -6.49
N LEU A 151 -2.06 -18.73 -7.37
CA LEU A 151 -0.93 -18.17 -8.09
C LEU A 151 -1.35 -17.11 -9.11
N GLU A 152 -2.63 -17.08 -9.51
CA GLU A 152 -3.11 -15.99 -10.35
C GLU A 152 -2.77 -14.63 -9.77
N LEU A 153 -2.75 -14.51 -8.45
CA LEU A 153 -2.33 -13.30 -7.76
C LEU A 153 -0.90 -13.38 -7.25
N ILE A 154 -0.50 -14.51 -6.65
CA ILE A 154 0.79 -14.56 -5.95
C ILE A 154 1.95 -14.47 -6.92
N GLU A 155 1.85 -15.13 -8.08
CA GLU A 155 2.91 -15.00 -9.08
C GLU A 155 3.07 -13.56 -9.56
N PRO A 156 2.01 -12.86 -9.98
CA PRO A 156 2.18 -11.42 -10.23
C PRO A 156 2.67 -10.62 -9.03
N LEU A 157 2.26 -10.99 -7.81
CA LEU A 157 2.71 -10.28 -6.61
C LEU A 157 4.21 -10.41 -6.40
N ILE A 158 4.75 -11.62 -6.60
CA ILE A 158 6.18 -11.84 -6.36
C ILE A 158 7.02 -11.11 -7.40
N LYS A 159 6.63 -11.14 -8.67
CA LYS A 159 7.45 -10.44 -9.66
C LYS A 159 7.39 -8.93 -9.45
N PHE A 160 6.29 -8.43 -8.86
CA PHE A 160 6.22 -7.02 -8.52
C PHE A 160 7.21 -6.68 -7.41
N GLN A 161 7.23 -7.49 -6.35
CA GLN A 161 8.15 -7.24 -5.23
C GLN A 161 9.60 -7.29 -5.69
N VAL A 162 9.93 -8.21 -6.59
CA VAL A 162 11.29 -8.32 -7.08
C VAL A 162 11.66 -7.11 -7.93
N GLY A 163 10.78 -6.76 -8.88
CA GLY A 163 11.05 -5.60 -9.73
C GLY A 163 11.12 -4.30 -8.95
N LEU A 164 10.30 -4.16 -7.91
CA LEU A 164 10.37 -2.99 -7.05
C LEU A 164 11.66 -2.95 -6.24
N LYS A 165 12.05 -4.10 -5.69
CA LYS A 165 13.29 -4.16 -4.92
C LYS A 165 14.50 -3.84 -5.78
N LYS A 166 14.51 -4.33 -7.02
CA LYS A 166 15.64 -4.07 -7.92
C LYS A 166 15.83 -2.60 -8.21
N LEU A 167 14.78 -1.78 -8.04
CA LEU A 167 14.93 -0.35 -8.22
C LEU A 167 15.80 0.28 -7.14
N ASN A 168 15.91 -0.35 -5.98
CA ASN A 168 16.74 0.14 -4.87
C ASN A 168 16.39 1.59 -4.53
N LEU A 169 15.10 1.85 -4.34
CA LEU A 169 14.63 3.20 -4.11
C LEU A 169 15.20 3.78 -2.81
N HIS A 170 15.52 5.07 -2.84
CA HIS A 170 15.72 5.80 -1.60
C HIS A 170 14.40 5.89 -0.86
N GLU A 171 14.48 6.09 0.46
CA GLU A 171 13.26 6.27 1.24
C GLU A 171 12.45 7.45 0.75
N GLU A 172 13.12 8.49 0.23
CA GLU A 172 12.42 9.64 -0.34
C GLU A 172 11.56 9.21 -1.52
N GLU A 173 12.13 8.47 -2.46
CA GLU A 173 11.35 8.00 -3.61
C GLU A 173 10.26 7.03 -3.19
N HIS A 174 10.53 6.21 -2.17
CA HIS A 174 9.54 5.25 -1.68
C HIS A 174 8.29 5.96 -1.15
N VAL A 175 8.49 6.95 -0.26
CA VAL A 175 7.33 7.60 0.35
C VAL A 175 6.61 8.48 -0.67
N LEU A 176 7.33 9.02 -1.66
CA LEU A 176 6.67 9.77 -2.71
C LEU A 176 5.81 8.88 -3.59
N LEU A 177 6.30 7.67 -3.89
CA LEU A 177 5.53 6.72 -4.71
C LEU A 177 4.24 6.31 -4.00
N MET A 178 4.32 6.07 -2.69
CA MET A 178 3.12 5.72 -1.93
C MET A 178 2.10 6.86 -1.93
N ALA A 179 2.57 8.09 -1.74
CA ALA A 179 1.65 9.23 -1.74
C ALA A 179 1.02 9.43 -3.12
N ILE A 180 1.82 9.30 -4.19
CA ILE A 180 1.29 9.46 -5.54
C ILE A 180 0.25 8.37 -5.83
N CYS A 181 0.47 7.17 -5.31
CA CYS A 181 -0.47 6.08 -5.55
C CYS A 181 -1.81 6.35 -4.87
N ILE A 182 -1.78 7.03 -3.73
CA ILE A 182 -3.01 7.33 -2.99
C ILE A 182 -3.80 8.46 -3.65
N VAL A 183 -3.12 9.57 -3.96
N VAL A 183 -3.13 9.56 -4.02
CA VAL A 183 -3.76 10.73 -4.57
CA VAL A 183 -3.85 10.69 -4.60
C VAL A 183 -3.77 10.55 -6.08
C VAL A 183 -3.91 10.56 -6.13
N SER A 184 -4.64 9.67 -6.58
N SER A 184 -4.62 9.54 -6.61
CA SER A 184 -4.73 9.38 -8.00
CA SER A 184 -4.73 9.33 -8.04
C SER A 184 -6.10 9.79 -8.51
C SER A 184 -6.10 9.78 -8.51
N PRO A 185 -6.18 10.70 -9.50
CA PRO A 185 -7.49 11.05 -10.06
C PRO A 185 -8.10 9.93 -10.90
N ASP A 186 -7.35 8.87 -11.17
CA ASP A 186 -7.81 7.72 -11.95
C ASP A 186 -8.48 6.67 -11.06
N ARG A 187 -9.39 7.11 -10.18
CA ARG A 187 -10.13 6.21 -9.31
C ARG A 187 -11.62 6.40 -9.52
N PRO A 188 -12.39 5.32 -9.64
CA PRO A 188 -13.84 5.46 -9.80
C PRO A 188 -14.47 6.04 -8.55
N GLY A 189 -15.42 6.96 -8.75
CA GLY A 189 -16.10 7.60 -7.65
C GLY A 189 -15.50 8.90 -7.19
N VAL A 190 -14.41 9.37 -7.82
CA VAL A 190 -13.79 10.63 -7.42
C VAL A 190 -14.64 11.78 -7.90
N GLN A 191 -14.91 12.72 -6.99
CA GLN A 191 -15.74 13.88 -7.30
C GLN A 191 -14.91 15.05 -7.84
N ASP A 192 -13.93 15.51 -7.06
CA ASP A 192 -13.08 16.63 -7.47
C ASP A 192 -11.77 16.10 -8.05
N ALA A 193 -11.90 15.51 -9.23
CA ALA A 193 -10.74 14.90 -9.88
C ALA A 193 -9.65 15.92 -10.19
N LYS A 194 -10.04 17.15 -10.54
CA LYS A 194 -9.05 18.18 -10.85
C LYS A 194 -8.24 18.55 -9.61
N LEU A 195 -8.87 18.56 -8.44
CA LEU A 195 -8.13 18.84 -7.21
C LEU A 195 -7.19 17.69 -6.86
N VAL A 196 -7.65 16.45 -7.02
CA VAL A 196 -6.79 15.30 -6.79
C VAL A 196 -5.59 15.33 -7.73
N GLU A 197 -5.82 15.71 -8.99
CA GLU A 197 -4.73 15.79 -9.96
C GLU A 197 -3.73 16.86 -9.56
N ALA A 198 -4.22 18.03 -9.14
CA ALA A 198 -3.32 19.10 -8.73
C ALA A 198 -2.44 18.69 -7.55
N ILE A 199 -3.01 17.95 -6.59
CA ILE A 199 -2.22 17.46 -5.47
C ILE A 199 -1.19 16.44 -5.94
N GLN A 200 -1.60 15.51 -6.80
CA GLN A 200 -0.64 14.53 -7.33
C GLN A 200 0.44 15.19 -8.18
N ASP A 201 0.09 16.26 -8.89
CA ASP A 201 1.05 16.90 -9.78
C ASP A 201 2.24 17.46 -9.00
N ARG A 202 2.01 18.02 -7.81
CA ARG A 202 3.14 18.53 -7.05
C ARG A 202 3.93 17.41 -6.40
N LEU A 203 3.27 16.32 -6.02
CA LEU A 203 4.04 15.17 -5.60
C LEU A 203 4.84 14.60 -6.76
N SER A 204 4.25 14.60 -7.96
CA SER A 204 4.95 14.06 -9.13
C SER A 204 6.12 14.94 -9.53
N ASN A 205 5.91 16.26 -9.56
CA ASN A 205 7.01 17.19 -9.84
C ASN A 205 8.10 17.08 -8.78
N THR A 206 7.72 16.85 -7.52
CA THR A 206 8.71 16.68 -6.47
C THR A 206 9.54 15.42 -6.68
N LEU A 207 8.89 14.32 -7.07
CA LEU A 207 9.62 13.08 -7.32
C LEU A 207 10.53 13.21 -8.55
N GLN A 208 10.02 13.79 -9.63
CA GLN A 208 10.83 13.98 -10.83
C GLN A 208 12.06 14.83 -10.53
N THR A 209 11.89 15.89 -9.75
CA THR A 209 13.01 16.77 -9.44
C THR A 209 14.01 16.08 -8.52
N TYR A 210 13.52 15.34 -7.53
CA TYR A 210 14.41 14.59 -6.65
C TYR A 210 15.26 13.60 -7.44
N ILE A 211 14.66 12.91 -8.41
CA ILE A 211 15.41 11.95 -9.22
C ILE A 211 16.50 12.66 -10.01
N ARG A 212 16.18 13.82 -10.59
CA ARG A 212 17.16 14.54 -11.41
C ARG A 212 18.36 15.01 -10.58
N CYS A 213 18.17 15.31 -9.31
CA CYS A 213 19.29 15.70 -8.47
C CYS A 213 20.19 14.53 -8.11
N ARG A 214 19.72 13.30 -8.29
CA ARG A 214 20.48 12.10 -7.93
C ARG A 214 20.87 11.24 -9.13
N HIS A 215 20.32 11.49 -10.30
CA HIS A 215 20.61 10.68 -11.48
C HIS A 215 20.61 11.55 -12.74
N PRO A 216 21.72 11.60 -13.47
CA PRO A 216 21.72 12.31 -14.75
C PRO A 216 20.94 11.52 -15.80
N PRO A 217 20.49 12.17 -16.87
CA PRO A 217 19.78 11.44 -17.93
C PRO A 217 20.75 10.59 -18.73
N PRO A 218 20.25 9.54 -19.41
CA PRO A 218 18.85 9.14 -19.49
C PRO A 218 18.39 8.27 -18.32
N GLY A 219 19.31 7.93 -17.42
CA GLY A 219 18.95 7.12 -16.27
C GLY A 219 17.89 7.75 -15.40
N SER A 220 17.85 9.08 -15.36
CA SER A 220 16.80 9.79 -14.63
C SER A 220 15.42 9.44 -15.18
N HIS A 221 15.27 9.49 -16.50
CA HIS A 221 13.98 9.15 -17.11
C HIS A 221 13.69 7.67 -17.03
N GLN A 222 14.71 6.82 -17.06
CA GLN A 222 14.49 5.39 -16.95
C GLN A 222 13.99 5.01 -15.56
N LEU A 223 14.36 5.78 -14.54
CA LEU A 223 13.91 5.47 -13.19
C LEU A 223 12.46 5.90 -12.98
N TYR A 224 12.11 7.13 -13.37
CA TYR A 224 10.75 7.61 -13.19
C TYR A 224 9.76 6.79 -14.00
N ALA A 225 10.15 6.37 -15.21
CA ALA A 225 9.27 5.56 -16.03
C ALA A 225 9.01 4.21 -15.40
N LYS A 226 10.04 3.60 -14.80
CA LYS A 226 9.84 2.31 -14.12
C LYS A 226 8.98 2.46 -12.88
N MET A 227 9.02 3.62 -12.22
CA MET A 227 8.18 3.83 -11.04
C MET A 227 6.72 3.98 -11.45
N ILE A 228 6.45 4.71 -12.53
CA ILE A 228 5.08 4.84 -13.03
C ILE A 228 4.56 3.48 -13.49
N GLN A 229 5.43 2.67 -14.10
CA GLN A 229 5.01 1.33 -14.50
C GLN A 229 4.63 0.49 -13.29
N LYS A 230 5.31 0.69 -12.16
CA LYS A 230 4.94 -0.05 -10.95
C LYS A 230 3.54 0.34 -10.50
N LEU A 231 3.16 1.61 -10.66
CA LEU A 231 1.81 2.03 -10.33
C LEU A 231 0.79 1.38 -11.27
N ALA A 232 1.16 1.21 -12.54
CA ALA A 232 0.28 0.52 -13.48
C ALA A 232 0.14 -0.95 -13.12
N ASP A 233 1.24 -1.59 -12.71
CA ASP A 233 1.18 -2.99 -12.29
C ASP A 233 0.25 -3.15 -11.09
N LEU A 234 0.26 -2.18 -10.18
CA LEU A 234 -0.57 -2.27 -8.99
C LEU A 234 -2.05 -2.28 -9.33
N ARG A 235 -2.44 -1.63 -10.43
CA ARG A 235 -3.84 -1.63 -10.83
C ARG A 235 -4.31 -3.05 -11.18
N SER A 236 -3.51 -3.79 -11.94
CA SER A 236 -3.89 -5.17 -12.26
C SER A 236 -3.78 -6.08 -11.03
N LEU A 237 -2.83 -5.80 -10.14
CA LEU A 237 -2.77 -6.54 -8.88
C LEU A 237 -3.97 -6.22 -8.01
N ASN A 238 -4.39 -4.95 -7.99
CA ASN A 238 -5.62 -4.56 -7.31
C ASN A 238 -6.81 -5.36 -7.82
N GLU A 239 -6.97 -5.42 -9.15
CA GLU A 239 -8.12 -6.10 -9.73
C GLU A 239 -8.13 -7.59 -9.36
N GLU A 240 -6.97 -8.26 -9.43
CA GLU A 240 -6.95 -9.69 -9.15
C GLU A 240 -7.16 -9.98 -7.67
N HIS A 241 -6.67 -9.13 -6.78
CA HIS A 241 -6.91 -9.35 -5.36
C HIS A 241 -8.38 -9.19 -5.01
N SER A 242 -9.06 -8.20 -5.61
CA SER A 242 -10.47 -7.99 -5.32
C SER A 242 -11.32 -9.15 -5.84
N LYS A 243 -10.96 -9.72 -6.99
CA LYS A 243 -11.68 -10.89 -7.49
C LYS A 243 -11.57 -12.05 -6.51
N GLN A 244 -10.37 -12.31 -6.02
CA GLN A 244 -10.19 -13.43 -5.09
C GLN A 244 -10.75 -13.09 -3.71
N TYR A 245 -10.66 -11.83 -3.29
CA TYR A 245 -11.27 -11.44 -2.02
C TYR A 245 -12.78 -11.56 -2.06
N ARG A 246 -13.40 -11.20 -3.19
CA ARG A 246 -14.84 -11.34 -3.32
C ARG A 246 -15.28 -12.80 -3.25
N SER A 247 -14.52 -13.70 -3.87
CA SER A 247 -14.84 -15.12 -3.78
C SER A 247 -14.59 -15.66 -2.39
N LEU A 248 -13.56 -15.16 -1.70
CA LEU A 248 -13.28 -15.64 -0.35
C LEU A 248 -14.31 -15.11 0.65
N SER A 249 -14.60 -13.80 0.59
CA SER A 249 -15.48 -13.19 1.57
C SER A 249 -16.94 -13.58 1.37
N PHE A 250 -17.30 -14.11 0.19
CA PHE A 250 -18.68 -14.58 -0.02
C PHE A 250 -19.02 -15.74 0.88
N GLN A 251 -18.03 -16.49 1.35
CA GLN A 251 -18.28 -17.60 2.27
C GLN A 251 -18.29 -17.07 3.70
N PRO A 252 -19.39 -17.19 4.44
CA PRO A 252 -19.42 -16.64 5.80
C PRO A 252 -18.34 -17.20 6.72
N GLU A 253 -17.95 -18.46 6.54
CA GLU A 253 -16.90 -19.03 7.39
C GLU A 253 -15.56 -18.35 7.18
N ASN A 254 -15.33 -17.74 6.01
CA ASN A 254 -14.11 -16.97 5.78
C ASN A 254 -14.24 -15.55 6.33
N SER A 255 -15.35 -14.87 6.01
CA SER A 255 -15.53 -13.51 6.49
C SER A 255 -15.61 -13.45 8.01
N MET A 256 -15.99 -14.56 8.66
CA MET A 256 -15.94 -14.63 10.12
C MET A 256 -14.53 -14.41 10.65
N LYS A 257 -13.52 -14.83 9.90
CA LYS A 257 -12.13 -14.70 10.31
C LYS A 257 -11.53 -13.36 9.98
N LEU A 258 -12.25 -12.50 9.26
CA LEU A 258 -11.73 -11.18 8.91
C LEU A 258 -11.97 -10.22 10.07
N THR A 259 -11.54 -8.98 9.89
CA THR A 259 -11.76 -7.95 10.89
C THR A 259 -12.83 -6.98 10.41
N PRO A 260 -13.46 -6.23 11.32
CA PRO A 260 -14.46 -5.25 10.89
C PRO A 260 -13.89 -4.19 9.95
N LEU A 261 -12.66 -3.73 10.18
CA LEU A 261 -12.06 -2.73 9.32
C LEU A 261 -11.82 -3.28 7.91
N VAL A 262 -11.35 -4.53 7.81
CA VAL A 262 -11.12 -5.14 6.51
C VAL A 262 -12.44 -5.28 5.76
N LEU A 263 -13.50 -5.68 6.47
CA LEU A 263 -14.80 -5.83 5.82
C LEU A 263 -15.33 -4.49 5.32
N GLU A 264 -15.08 -3.42 6.07
CA GLU A 264 -15.56 -2.10 5.67
C GLU A 264 -14.76 -1.56 4.49
N VAL A 265 -13.44 -1.68 4.53
CA VAL A 265 -12.60 -1.06 3.52
C VAL A 265 -12.58 -1.87 2.23
N PHE A 266 -12.48 -3.20 2.34
CA PHE A 266 -12.35 -4.06 1.17
C PHE A 266 -13.70 -4.48 0.58
N GLY A 267 -14.81 -4.12 1.21
CA GLY A 267 -16.09 -4.66 0.80
C GLY A 267 -17.04 -3.72 0.08
N ASN A 268 -17.28 -2.55 0.67
CA ASN A 268 -18.28 -1.63 0.15
C ASN A 268 -17.76 -0.84 -1.05
N LYS B 1 -22.40 0.67 2.66
CA LYS B 1 -22.10 1.85 1.86
C LYS B 1 -21.79 3.05 2.75
N ASN B 2 -21.83 2.82 4.05
CA ASN B 2 -21.37 3.79 5.05
C ASN B 2 -20.13 3.23 5.73
N HIS B 3 -19.18 4.11 6.03
CA HIS B 3 -17.86 3.72 6.54
C HIS B 3 -17.58 4.45 7.85
N PRO B 4 -18.24 4.03 8.95
CA PRO B 4 -17.99 4.71 10.23
C PRO B 4 -16.58 4.49 10.77
N MET B 5 -15.95 3.35 10.47
CA MET B 5 -14.62 3.10 10.99
C MET B 5 -13.56 3.88 10.23
N LEU B 6 -13.68 3.93 8.90
CA LEU B 6 -12.76 4.75 8.11
C LEU B 6 -12.91 6.23 8.45
N MET B 7 -14.16 6.69 8.63
CA MET B 7 -14.38 8.08 9.01
C MET B 7 -13.74 8.39 10.35
N ASN B 8 -13.87 7.49 11.32
CA ASN B 8 -13.26 7.72 12.63
C ASN B 8 -11.75 7.81 12.54
N LEU B 9 -11.14 6.95 11.73
CA LEU B 9 -9.69 7.01 11.54
C LEU B 9 -9.28 8.21 10.69
N LEU B 10 -10.18 8.72 9.86
CA LEU B 10 -9.87 9.90 9.05
C LEU B 10 -10.02 11.18 9.83
N LYS B 11 -10.84 11.18 10.87
CA LYS B 11 -11.04 12.35 11.72
C LYS B 11 -9.78 12.69 12.50
C10 A1L71 C . -2.71 -9.11 1.59
C13 A1L71 C . -1.14 -11.10 2.54
C15 A1L71 C . 2.16 -11.28 2.14
C20 A1L71 C . 3.26 -3.09 7.98
C21 A1L71 C . 4.19 -2.69 9.12
C22 A1L71 C . 3.84 -1.33 9.73
C24 A1L71 C . -6.81 -11.36 2.27
C26 A1L71 C . -7.46 -12.66 2.73
C28 A1L71 C . -8.94 -12.62 2.50
C01 A1L71 C . 3.63 -7.84 4.87
C02 A1L71 C . 2.78 -6.92 5.38
C03 A1L71 C . 1.49 -6.83 4.93
C04 A1L71 C . 1.07 -7.64 3.94
C05 A1L71 C . 1.90 -8.55 3.42
C06 A1L71 C . 3.18 -8.65 3.87
C08 A1L71 C . -0.57 -9.95 2.09
C09 A1L71 C . -1.36 -8.96 1.61
C11 A1L71 C . -3.31 -10.26 2.06
C12 A1L71 C . -2.50 -11.25 2.53
C14 A1L71 C . 1.64 -8.73 0.46
C18 A1L71 C . 3.03 -4.81 6.20
C19 A1L71 C . 3.95 -4.17 7.17
C23 A1L71 C . -5.32 -11.48 2.46
C25 A1L71 C . -7.37 -10.24 3.12
C27 A1L71 C . -7.03 -10.43 4.58
C31 A1L71 C . 0.49 -5.86 5.47
C32 A1L71 C . -3.53 -7.97 1.06
O16 A1L71 C . -4.68 -10.35 2.01
O17 A1L71 C . 3.21 -6.13 6.39
O29 A1L71 C . -7.09 -11.10 0.97
O30 A1L71 C . 4.33 -0.99 10.84
O33 A1L71 C . 3.08 -0.58 9.12
O34 A1L71 C . 4.80 -3.60 6.29
SI07 A1L71 C . 1.28 -9.64 2.05
#